data_2DKO
#
_entry.id   2DKO
#
_cell.length_a   67.650
_cell.length_b   83.890
_cell.length_c   96.160
_cell.angle_alpha   90.00
_cell.angle_beta   90.00
_cell.angle_gamma   90.00
#
_symmetry.space_group_name_H-M   'I 2 2 2'
#
loop_
_entity.id
_entity.type
_entity.pdbx_description
1 polymer Caspase-3
2 polymer Caspase-3
3 polymer PHQ-ASP-GLU-VAL-ASP-CHLOROMETHYLKETONE
4 water water
#
loop_
_entity_poly.entity_id
_entity_poly.type
_entity_poly.pdbx_seq_one_letter_code
_entity_poly.pdbx_strand_id
1 'polypeptide(L)'
;SGISLDNSYKMDYPEMGLCIIINNKNFHKSTGMTSRSGTDVDAANLRETFRNLKYEVRNKNDLTREEIVELMRDVSKEDH
SKRSSFVCVLLSHGEEGIIFGTNGPVDLKKITNFFRGDRCRSLTGKPKLFIIQACRGTELDCGIET
;
A
2 'polypeptide(L)'
;ASGVDDDMACHKIPVEADFLYAYSTAPGYYSWRNSKDGSWFIQSLCAMLKQYADKLEFMHILTRVNRKVATEFESFSFDA
TFHAKKQIPCIVSMLTKELYFYH
;
B
3 'polypeptide(L)' (PHQ)DEVD(0QE) I
#
# COMPACT_ATOMS: atom_id res chain seq x y z
N SER A 1 37.29 4.91 -5.58
CA SER A 1 36.35 4.82 -6.66
C SER A 1 35.91 6.18 -7.15
N GLY A 2 35.06 6.11 -8.14
CA GLY A 2 34.50 7.35 -8.68
C GLY A 2 33.45 7.91 -7.76
N ILE A 3 32.93 9.02 -8.24
CA ILE A 3 31.87 9.72 -7.50
C ILE A 3 30.67 8.81 -7.21
N SER A 4 30.24 8.85 -5.95
CA SER A 4 29.07 8.13 -5.48
C SER A 4 27.93 9.07 -5.07
N LEU A 5 26.72 8.96 -5.60
CA LEU A 5 25.64 9.94 -5.30
C LEU A 5 24.53 9.69 -4.31
N ASP A 6 24.33 8.45 -3.98
CA ASP A 6 23.29 7.98 -3.07
C ASP A 6 21.86 8.53 -3.16
N ASN A 7 21.36 8.64 -4.37
CA ASN A 7 20.01 9.16 -4.63
C ASN A 7 18.93 8.09 -4.74
N SER A 8 19.32 6.82 -4.75
CA SER A 8 18.35 5.70 -4.86
C SER A 8 18.61 4.67 -3.79
N TYR A 9 17.52 4.09 -3.29
CA TYR A 9 17.67 3.04 -2.31
C TYR A 9 18.46 1.86 -2.90
N LYS A 10 19.28 1.25 -2.10
CA LYS A 10 20.01 0.04 -2.44
C LYS A 10 19.03 -1.08 -2.57
N MET A 11 18.86 -1.65 -3.74
CA MET A 11 17.83 -2.68 -4.04
C MET A 11 18.52 -3.97 -4.52
N ASP A 12 19.79 -4.09 -4.26
CA ASP A 12 20.54 -5.26 -4.69
C ASP A 12 21.00 -6.08 -3.48
N TYR A 13 20.33 -6.02 -2.37
CA TYR A 13 20.49 -7.02 -1.31
C TYR A 13 20.13 -8.39 -1.88
N PRO A 14 20.51 -9.45 -1.17
CA PRO A 14 20.22 -10.83 -1.64
C PRO A 14 18.77 -11.10 -1.95
N GLU A 15 17.87 -10.43 -1.24
CA GLU A 15 16.44 -10.62 -1.33
C GLU A 15 15.82 -9.23 -1.52
N MET A 16 14.81 -9.15 -2.35
CA MET A 16 14.01 -7.95 -2.52
C MET A 16 13.27 -7.65 -1.22
N GLY A 17 12.76 -8.65 -0.55
CA GLY A 17 12.01 -8.54 0.67
C GLY A 17 10.71 -9.28 0.61
N LEU A 18 9.97 -9.14 1.72
CA LEU A 18 8.65 -9.71 1.86
C LEU A 18 7.61 -8.80 1.21
N CYS A 19 6.58 -9.45 0.70
CA CYS A 19 5.35 -8.83 0.26
C CYS A 19 4.24 -9.56 1.00
N ILE A 20 3.70 -8.96 2.04
CA ILE A 20 2.62 -9.56 2.81
C ILE A 20 1.30 -9.04 2.30
N ILE A 21 0.41 -9.92 1.88
CA ILE A 21 -0.88 -9.54 1.39
C ILE A 21 -1.96 -10.05 2.38
N ILE A 22 -2.73 -9.11 2.93
CA ILE A 22 -3.83 -9.41 3.85
C ILE A 22 -5.09 -9.21 3.06
N ASN A 23 -5.77 -10.31 2.74
CA ASN A 23 -6.94 -10.31 1.86
C ASN A 23 -8.18 -10.63 2.64
N ASN A 24 -8.91 -9.62 3.06
CA ASN A 24 -10.11 -9.87 3.87
C ASN A 24 -11.33 -9.78 2.98
N LYS A 25 -11.94 -10.94 2.76
CA LYS A 25 -13.09 -11.05 1.89
C LYS A 25 -14.38 -11.22 2.71
N ASN A 26 -14.39 -12.08 3.69
CA ASN A 26 -15.55 -12.52 4.45
C ASN A 26 -15.40 -12.02 5.87
N PHE A 27 -16.43 -11.31 6.36
CA PHE A 27 -16.46 -10.66 7.66
C PHE A 27 -17.43 -11.39 8.56
N HIS A 28 -17.11 -11.40 9.84
CA HIS A 28 -18.03 -12.02 10.80
C HIS A 28 -19.40 -11.34 10.68
N LYS A 29 -20.43 -12.12 10.79
CA LYS A 29 -21.80 -11.64 10.59
C LYS A 29 -22.07 -10.57 11.64
N SER A 30 -21.55 -10.75 12.82
CA SER A 30 -21.74 -9.76 13.91
C SER A 30 -21.32 -8.35 13.61
N THR A 31 -20.40 -8.21 12.65
CA THR A 31 -19.89 -6.87 12.33
C THR A 31 -20.80 -6.12 11.38
N GLY A 32 -21.64 -6.80 10.63
CA GLY A 32 -22.51 -6.09 9.69
C GLY A 32 -21.78 -5.78 8.40
N MET A 33 -20.54 -6.23 8.24
CA MET A 33 -19.83 -5.81 7.03
C MET A 33 -20.03 -6.81 5.88
N THR A 34 -20.14 -6.23 4.67
CA THR A 34 -20.40 -7.03 3.49
C THR A 34 -19.20 -7.80 2.99
N SER A 35 -19.40 -8.91 2.32
CA SER A 35 -18.33 -9.64 1.66
C SER A 35 -17.76 -8.84 0.54
N ARG A 36 -16.49 -8.91 0.29
CA ARG A 36 -15.79 -8.07 -0.66
C ARG A 36 -15.53 -8.79 -2.00
N SER A 37 -16.59 -9.07 -2.76
CA SER A 37 -16.47 -9.77 -4.01
C SER A 37 -15.49 -9.05 -4.93
N GLY A 38 -14.58 -9.82 -5.55
CA GLY A 38 -13.54 -9.30 -6.42
C GLY A 38 -12.18 -9.21 -5.74
N THR A 39 -12.20 -9.28 -4.42
CA THR A 39 -10.89 -9.14 -3.73
C THR A 39 -9.95 -10.31 -4.05
N ASP A 40 -10.46 -11.52 -4.30
CA ASP A 40 -9.50 -12.61 -4.65
C ASP A 40 -8.78 -12.36 -5.97
N VAL A 41 -9.48 -11.68 -6.91
CA VAL A 41 -8.87 -11.28 -8.19
C VAL A 41 -7.67 -10.38 -7.88
N ASP A 42 -7.91 -9.39 -7.03
CA ASP A 42 -6.87 -8.48 -6.60
C ASP A 42 -5.69 -9.23 -5.96
N ALA A 43 -6.01 -10.11 -5.00
CA ALA A 43 -4.94 -10.79 -4.27
C ALA A 43 -4.12 -11.65 -5.19
N ALA A 44 -4.76 -12.34 -6.14
CA ALA A 44 -4.03 -13.18 -7.12
C ALA A 44 -3.17 -12.31 -8.05
N ASN A 45 -3.72 -11.17 -8.49
CA ASN A 45 -2.98 -10.27 -9.35
C ASN A 45 -1.75 -9.73 -8.64
N LEU A 46 -1.90 -9.34 -7.40
CA LEU A 46 -0.76 -8.88 -6.61
C LEU A 46 0.31 -9.92 -6.41
N ARG A 47 -0.14 -11.15 -6.10
CA ARG A 47 0.86 -12.20 -5.88
C ARG A 47 1.72 -12.39 -7.12
N GLU A 48 1.05 -12.43 -8.31
CA GLU A 48 1.79 -12.58 -9.55
C GLU A 48 2.74 -11.45 -9.83
N THR A 49 2.21 -10.22 -9.60
CA THR A 49 2.95 -9.02 -9.93
C THR A 49 4.22 -8.92 -9.05
N PHE A 50 4.04 -9.13 -7.76
CA PHE A 50 5.17 -9.05 -6.85
C PHE A 50 6.11 -10.27 -6.99
N ARG A 51 5.61 -11.42 -7.34
CA ARG A 51 6.48 -12.55 -7.67
C ARG A 51 7.44 -12.21 -8.78
N ASN A 52 6.93 -11.52 -9.82
CA ASN A 52 7.75 -11.16 -10.99
C ASN A 52 8.78 -10.08 -10.64
N LEU A 53 8.56 -9.35 -9.52
CA LEU A 53 9.53 -8.38 -9.06
C LEU A 53 10.49 -9.00 -8.05
N LYS A 54 10.36 -10.29 -7.79
CA LYS A 54 11.24 -11.12 -6.98
C LYS A 54 11.02 -10.92 -5.47
N TYR A 55 9.79 -10.53 -5.07
CA TYR A 55 9.42 -10.49 -3.67
C TYR A 55 9.01 -11.90 -3.20
N GLU A 56 9.25 -12.14 -1.91
CA GLU A 56 8.73 -13.31 -1.22
C GLU A 56 7.31 -13.00 -0.80
N VAL A 57 6.32 -13.49 -1.54
CA VAL A 57 4.93 -13.13 -1.29
C VAL A 57 4.35 -14.11 -0.31
N ARG A 58 3.71 -13.57 0.73
CA ARG A 58 2.97 -14.36 1.69
C ARG A 58 1.55 -13.81 1.71
N ASN A 59 0.56 -14.63 1.46
CA ASN A 59 -0.82 -14.24 1.50
C ASN A 59 -1.49 -14.78 2.79
N LYS A 60 -2.36 -13.96 3.32
CA LYS A 60 -3.23 -14.37 4.40
C LYS A 60 -4.64 -13.91 4.09
N ASN A 61 -5.61 -14.79 4.26
CA ASN A 61 -6.97 -14.49 4.06
C ASN A 61 -7.80 -14.43 5.36
N ASP A 62 -8.71 -13.47 5.37
CA ASP A 62 -9.77 -13.42 6.38
C ASP A 62 -9.20 -13.46 7.80
N LEU A 63 -8.37 -12.47 8.10
CA LEU A 63 -7.80 -12.34 9.43
C LEU A 63 -8.60 -11.42 10.34
N THR A 64 -8.73 -11.88 11.57
CA THR A 64 -9.27 -11.02 12.63
C THR A 64 -8.34 -9.89 12.94
N ARG A 65 -8.86 -8.88 13.66
CA ARG A 65 -7.98 -7.78 14.08
C ARG A 65 -6.82 -8.25 14.87
N GLU A 66 -7.05 -9.26 15.76
CA GLU A 66 -5.95 -9.76 16.57
C GLU A 66 -4.93 -10.47 15.72
N GLU A 67 -5.37 -11.23 14.73
CA GLU A 67 -4.48 -11.92 13.81
C GLU A 67 -3.66 -10.97 12.94
N ILE A 68 -4.28 -9.87 12.49
CA ILE A 68 -3.54 -8.84 11.76
C ILE A 68 -2.41 -8.30 12.61
N VAL A 69 -2.68 -7.91 13.85
CA VAL A 69 -1.67 -7.35 14.74
C VAL A 69 -0.59 -8.37 15.04
N GLU A 70 -0.94 -9.62 15.30
CA GLU A 70 0.05 -10.66 15.55
C GLU A 70 0.96 -10.89 14.34
N LEU A 71 0.31 -10.92 13.19
CA LEU A 71 1.11 -11.12 11.97
C LEU A 71 2.14 -10.04 11.77
N MET A 72 1.63 -8.78 11.90
CA MET A 72 2.56 -7.69 11.64
C MET A 72 3.64 -7.62 12.70
N ARG A 73 3.28 -7.90 13.98
CA ARG A 73 4.30 -7.94 15.02
C ARG A 73 5.35 -8.97 14.68
N ASP A 74 4.92 -10.21 14.33
CA ASP A 74 5.84 -11.28 14.02
C ASP A 74 6.73 -10.96 12.82
N VAL A 75 6.11 -10.43 11.76
CA VAL A 75 6.91 -10.08 10.61
C VAL A 75 7.93 -9.00 10.95
N SER A 76 7.55 -8.02 11.77
CA SER A 76 8.47 -6.94 12.11
C SER A 76 9.62 -7.44 12.96
N LYS A 77 9.45 -8.60 13.61
CA LYS A 77 10.50 -9.19 14.44
C LYS A 77 11.39 -10.17 13.67
N GLU A 78 11.10 -10.45 12.44
CA GLU A 78 12.07 -11.17 11.59
C GLU A 78 13.31 -10.35 11.34
N ASP A 79 14.37 -11.07 10.98
CA ASP A 79 15.61 -10.46 10.56
C ASP A 79 15.52 -10.09 9.08
N HIS A 80 15.37 -8.82 8.75
CA HIS A 80 15.27 -8.33 7.39
C HIS A 80 16.65 -7.87 6.89
N SER A 81 17.73 -8.21 7.56
CA SER A 81 19.02 -7.63 7.18
C SER A 81 19.41 -7.87 5.73
N LYS A 82 19.03 -9.04 5.18
CA LYS A 82 19.39 -9.40 3.81
C LYS A 82 18.33 -9.04 2.79
N ARG A 83 17.36 -8.25 3.22
CA ARG A 83 16.22 -7.82 2.40
C ARG A 83 16.33 -6.35 2.07
N SER A 84 16.00 -5.98 0.81
CA SER A 84 16.11 -4.62 0.37
C SER A 84 14.98 -3.72 0.84
N SER A 85 13.79 -4.27 1.09
CA SER A 85 12.62 -3.49 1.25
C SER A 85 11.55 -4.37 1.90
N PHE A 86 10.38 -3.76 2.19
CA PHE A 86 9.28 -4.45 2.77
C PHE A 86 8.01 -3.90 2.13
N VAL A 87 7.08 -4.78 1.74
CA VAL A 87 5.78 -4.42 1.18
C VAL A 87 4.68 -5.08 1.97
N CYS A 88 3.65 -4.33 2.30
CA CYS A 88 2.45 -4.87 2.88
C CYS A 88 1.28 -4.34 2.09
N VAL A 89 0.39 -5.23 1.68
CA VAL A 89 -0.83 -4.88 0.99
C VAL A 89 -2.03 -5.23 1.86
N LEU A 90 -2.90 -4.26 2.06
CA LEU A 90 -4.11 -4.47 2.87
C LEU A 90 -5.33 -4.31 1.99
N LEU A 91 -6.11 -5.36 1.90
CA LEU A 91 -7.32 -5.38 1.10
C LEU A 91 -8.49 -5.63 2.07
N SER A 92 -9.29 -4.62 2.35
CA SER A 92 -10.36 -4.78 3.33
C SER A 92 -11.33 -3.59 3.23
N HIS A 93 -12.38 -3.68 4.12
CA HIS A 93 -13.11 -2.50 4.45
C HIS A 93 -12.20 -1.54 5.26
N GLY A 94 -12.58 -0.27 5.25
CA GLY A 94 -11.82 0.70 5.99
C GLY A 94 -12.59 1.95 6.22
N GLU A 95 -11.98 2.82 7.05
CA GLU A 95 -12.43 4.18 7.22
C GLU A 95 -11.13 4.98 7.31
N GLU A 96 -11.19 6.31 7.41
CA GLU A 96 -9.97 7.08 7.48
C GLU A 96 -9.10 6.59 8.66
N GLY A 97 -7.89 6.17 8.35
CA GLY A 97 -6.99 5.74 9.35
C GLY A 97 -7.18 4.31 9.88
N ILE A 98 -8.13 3.56 9.34
CA ILE A 98 -8.54 2.27 9.91
C ILE A 98 -8.68 1.26 8.79
N ILE A 99 -8.27 0.04 9.11
CA ILE A 99 -8.52 -1.13 8.24
C ILE A 99 -9.29 -2.14 9.04
N PHE A 100 -10.20 -2.91 8.43
CA PHE A 100 -10.96 -3.86 9.19
C PHE A 100 -10.37 -5.26 9.15
N GLY A 101 -10.22 -5.81 10.34
CA GLY A 101 -10.18 -7.25 10.46
C GLY A 101 -11.54 -7.82 10.26
N THR A 102 -11.65 -9.13 10.22
CA THR A 102 -12.93 -9.75 9.98
C THR A 102 -13.90 -9.54 11.16
N ASN A 103 -13.39 -9.18 12.33
CA ASN A 103 -14.19 -8.96 13.51
C ASN A 103 -14.17 -7.56 14.07
N GLY A 104 -13.58 -6.59 13.35
CA GLY A 104 -13.50 -5.27 13.80
C GLY A 104 -12.28 -4.53 13.36
N PRO A 105 -12.26 -3.25 13.64
CA PRO A 105 -11.19 -2.40 13.10
C PRO A 105 -9.82 -2.49 13.77
N VAL A 106 -8.80 -2.13 13.03
CA VAL A 106 -7.38 -1.97 13.41
C VAL A 106 -6.96 -0.58 12.98
N ASP A 107 -6.39 0.24 13.83
CA ASP A 107 -5.79 1.50 13.39
C ASP A 107 -4.59 1.18 12.47
N LEU A 108 -4.51 1.81 11.33
CA LEU A 108 -3.36 1.66 10.49
C LEU A 108 -2.09 2.02 11.20
N LYS A 109 -2.09 3.04 12.07
CA LYS A 109 -0.86 3.40 12.79
C LYS A 109 -0.36 2.26 13.67
N LYS A 110 -1.27 1.43 14.23
CA LYS A 110 -0.82 0.34 15.05
C LYS A 110 0.00 -0.61 14.18
N ILE A 111 -0.44 -0.87 12.95
CA ILE A 111 0.22 -1.74 12.02
C ILE A 111 1.57 -1.15 11.61
N THR A 112 1.60 0.08 11.14
CA THR A 112 2.84 0.67 10.59
C THR A 112 3.84 0.93 11.72
N ASN A 113 3.36 1.16 12.95
CA ASN A 113 4.33 1.44 14.02
C ASN A 113 5.31 0.32 14.28
N PHE A 114 4.92 -0.93 14.00
CA PHE A 114 5.87 -2.04 14.17
C PHE A 114 7.12 -1.91 13.30
N PHE A 115 6.99 -1.15 12.23
CA PHE A 115 8.05 -1.01 11.24
C PHE A 115 8.77 0.32 11.36
N ARG A 116 8.49 1.14 12.38
CA ARG A 116 9.19 2.38 12.60
C ARG A 116 10.68 2.12 12.61
N GLY A 117 11.48 3.12 12.26
CA GLY A 117 12.88 2.95 12.21
C GLY A 117 13.56 2.51 13.48
N ASP A 118 13.00 2.89 14.66
CA ASP A 118 13.49 2.51 15.94
C ASP A 118 12.95 1.17 16.40
N ARG A 119 11.91 0.64 15.80
CA ARG A 119 11.32 -0.61 16.29
C ARG A 119 11.63 -1.80 15.37
N CYS A 120 11.99 -1.59 14.12
CA CYS A 120 12.38 -2.67 13.23
C CYS A 120 13.74 -2.29 12.66
N ARG A 121 14.80 -2.59 13.39
CA ARG A 121 16.09 -2.06 13.06
C ARG A 121 16.65 -2.68 11.77
N SER A 122 16.28 -3.86 11.39
CA SER A 122 16.78 -4.45 10.15
C SER A 122 16.07 -3.89 8.93
N LEU A 123 15.10 -3.00 9.10
CA LEU A 123 14.48 -2.23 8.00
C LEU A 123 14.84 -0.73 8.06
N THR A 124 15.59 -0.30 9.07
CA THR A 124 15.94 1.09 9.13
C THR A 124 16.71 1.48 7.87
N GLY A 125 16.31 2.60 7.27
CA GLY A 125 16.92 3.07 6.04
C GLY A 125 16.44 2.41 4.81
N LYS A 126 15.53 1.45 4.89
CA LYS A 126 15.01 0.72 3.77
C LYS A 126 13.56 1.11 3.50
N PRO A 127 13.11 1.08 2.27
CA PRO A 127 11.73 1.49 1.98
C PRO A 127 10.74 0.48 2.48
N LYS A 128 9.70 0.99 3.11
CA LYS A 128 8.58 0.26 3.71
C LYS A 128 7.31 0.75 3.01
N LEU A 129 6.74 -0.12 2.17
CA LEU A 129 5.65 0.25 1.29
C LEU A 129 4.36 -0.39 1.79
N PHE A 130 3.36 0.42 2.05
CA PHE A 130 2.04 -0.04 2.45
C PHE A 130 1.05 0.37 1.36
N ILE A 131 0.40 -0.63 0.77
CA ILE A 131 -0.53 -0.45 -0.31
C ILE A 131 -1.91 -0.76 0.26
N ILE A 132 -2.83 0.20 0.21
CA ILE A 132 -4.05 0.11 0.97
C ILE A 132 -5.26 0.29 0.08
N GLN A 133 -5.97 -0.84 -0.17
CA GLN A 133 -7.26 -0.84 -0.88
C GLN A 133 -8.32 -0.97 0.19
N ALA A 134 -8.91 0.19 0.53
CA ALA A 134 -9.92 0.30 1.57
C ALA A 134 -10.54 1.67 1.47
N CYS A 135 -11.78 1.80 1.88
CA CYS A 135 -12.38 3.14 1.99
C CYS A 135 -11.64 4.00 3.01
N ARG A 136 -11.76 5.28 2.80
CA ARG A 136 -11.19 6.32 3.70
C ARG A 136 -12.26 7.28 4.16
N GLY A 137 -13.51 6.82 4.17
CA GLY A 137 -14.66 7.68 4.47
C GLY A 137 -15.76 7.34 3.50
N THR A 138 -16.70 8.25 3.40
CA THR A 138 -17.95 8.12 2.68
C THR A 138 -18.21 9.16 1.63
N GLU A 139 -17.20 9.97 1.29
CA GLU A 139 -17.42 10.92 0.24
C GLU A 139 -17.35 10.26 -1.13
N LEU A 140 -18.09 10.80 -2.09
CA LEU A 140 -18.15 10.36 -3.45
C LEU A 140 -17.70 11.50 -4.35
N ASP A 141 -16.88 11.20 -5.34
CA ASP A 141 -16.32 12.19 -6.25
C ASP A 141 -17.18 12.24 -7.52
N CYS A 142 -17.86 13.34 -7.77
CA CYS A 142 -18.76 13.44 -8.91
C CYS A 142 -18.08 13.64 -10.24
N GLY A 143 -16.79 14.00 -10.18
CA GLY A 143 -16.02 14.24 -11.37
C GLY A 143 -16.44 15.51 -12.09
N ILE A 144 -15.66 15.81 -13.14
CA ILE A 144 -15.92 16.88 -14.07
C ILE A 144 -15.59 16.43 -15.49
N GLU A 145 -16.45 16.82 -16.41
CA GLU A 145 -16.24 16.48 -17.81
C GLU A 145 -14.97 17.14 -18.31
N THR A 146 -14.20 16.48 -19.17
CA THR A 146 -13.02 17.26 -19.61
C THR A 146 -13.14 17.85 -20.98
N ALA B 1 28.30 28.99 8.06
CA ALA B 1 27.09 29.06 8.90
C ALA B 1 27.23 28.13 10.10
N SER B 2 26.41 28.35 11.12
CA SER B 2 26.33 27.57 12.32
C SER B 2 25.05 27.88 13.08
N GLY B 3 24.48 26.85 13.68
CA GLY B 3 23.27 26.99 14.43
C GLY B 3 23.03 25.80 15.32
N VAL B 4 21.89 25.75 15.92
CA VAL B 4 21.61 24.81 16.99
C VAL B 4 21.06 23.49 16.50
N ASP B 5 20.63 23.43 15.22
CA ASP B 5 19.78 22.35 14.80
C ASP B 5 20.31 21.63 13.56
N ASP B 6 21.55 21.93 13.16
CA ASP B 6 22.08 21.18 12.05
C ASP B 6 23.45 20.61 12.42
N ASP B 7 23.99 19.73 11.63
CA ASP B 7 25.31 19.13 11.70
C ASP B 7 25.51 18.40 13.01
N MET B 8 24.57 17.55 13.42
CA MET B 8 24.75 16.77 14.62
C MET B 8 25.91 15.83 14.54
N ALA B 9 26.50 15.61 15.73
CA ALA B 9 27.62 14.69 15.78
C ALA B 9 27.18 13.26 15.51
N CYS B 10 26.04 12.87 15.99
CA CYS B 10 25.50 11.53 15.84
C CYS B 10 24.30 11.62 14.94
N HIS B 11 24.37 10.89 13.83
CA HIS B 11 23.41 10.97 12.75
C HIS B 11 22.13 10.24 13.20
N LYS B 12 20.98 10.82 13.13
CA LYS B 12 19.72 10.17 13.35
C LYS B 12 18.86 10.43 12.10
N ILE B 13 17.92 9.55 11.91
CA ILE B 13 16.82 9.75 10.96
C ILE B 13 15.52 9.71 11.72
N PRO B 14 14.47 10.32 11.19
CA PRO B 14 13.15 10.19 11.81
C PRO B 14 12.69 8.74 11.80
N VAL B 15 11.99 8.35 12.85
CA VAL B 15 11.42 7.01 12.86
C VAL B 15 10.32 6.82 11.84
N GLU B 16 9.71 7.89 11.37
CA GLU B 16 8.65 7.87 10.36
C GLU B 16 9.21 7.94 8.93
N ALA B 17 10.52 8.12 8.77
CA ALA B 17 11.09 8.17 7.44
C ALA B 17 11.04 6.79 6.76
N ASP B 18 11.11 6.86 5.44
CA ASP B 18 11.28 5.68 4.55
C ASP B 18 10.01 4.84 4.49
N PHE B 19 8.86 5.43 4.72
CA PHE B 19 7.56 4.84 4.46
C PHE B 19 6.94 5.46 3.23
N LEU B 20 6.21 4.64 2.50
CA LEU B 20 5.39 5.10 1.40
C LEU B 20 4.01 4.42 1.61
N TYR B 21 2.97 5.20 1.54
CA TYR B 21 1.61 4.71 1.62
C TYR B 21 0.95 4.98 0.27
N ALA B 22 0.58 3.91 -0.43
CA ALA B 22 -0.10 4.00 -1.71
C ALA B 22 -1.57 3.70 -1.40
N TYR B 23 -2.33 4.78 -1.17
CA TYR B 23 -3.73 4.64 -0.86
C TYR B 23 -4.52 4.58 -2.17
N SER B 24 -5.58 3.80 -2.16
CA SER B 24 -6.44 3.64 -3.32
C SER B 24 -7.27 4.87 -3.59
N THR B 25 -7.50 5.74 -2.64
CA THR B 25 -8.43 6.84 -2.79
C THR B 25 -8.00 7.99 -1.93
N ALA B 26 -8.55 9.14 -2.25
CA ALA B 26 -8.27 10.39 -1.50
C ALA B 26 -8.81 10.34 -0.11
N PRO B 27 -8.22 11.10 0.83
CA PRO B 27 -8.72 11.14 2.20
C PRO B 27 -10.21 11.50 2.23
N GLY B 28 -10.96 10.76 3.03
CA GLY B 28 -12.36 10.99 3.20
C GLY B 28 -13.27 10.29 2.22
N TYR B 29 -12.74 9.65 1.18
CA TYR B 29 -13.57 9.10 0.11
C TYR B 29 -13.71 7.59 0.18
N TYR B 30 -14.83 7.11 -0.34
CA TYR B 30 -14.98 5.71 -0.65
C TYR B 30 -13.91 5.32 -1.66
N SER B 31 -13.65 4.02 -1.72
CA SER B 31 -12.84 3.37 -2.73
C SER B 31 -13.71 2.34 -3.44
N TRP B 32 -13.53 2.22 -4.76
CA TRP B 32 -14.40 1.41 -5.61
C TRP B 32 -13.75 0.09 -6.01
N ARG B 33 -14.62 -0.90 -6.07
CA ARG B 33 -14.27 -2.25 -6.40
C ARG B 33 -15.30 -2.84 -7.36
N ASN B 34 -14.83 -3.48 -8.41
CA ASN B 34 -15.71 -4.22 -9.32
C ASN B 34 -15.75 -5.66 -8.84
N SER B 35 -16.95 -6.16 -8.59
CA SER B 35 -17.18 -7.46 -7.93
C SER B 35 -16.67 -8.61 -8.75
N LYS B 36 -16.47 -8.40 -10.03
CA LYS B 36 -15.97 -9.37 -11.00
C LYS B 36 -14.48 -9.10 -11.30
N ASP B 37 -14.08 -7.90 -11.55
CA ASP B 37 -12.70 -7.62 -12.02
C ASP B 37 -11.70 -7.19 -10.96
N GLY B 38 -12.17 -6.94 -9.78
CA GLY B 38 -11.28 -6.43 -8.74
C GLY B 38 -11.37 -4.91 -8.58
N SER B 39 -10.60 -4.45 -7.62
CA SER B 39 -10.58 -3.02 -7.34
C SER B 39 -9.94 -2.22 -8.48
N TRP B 40 -10.47 -1.01 -8.68
CA TRP B 40 -9.90 -0.17 -9.72
C TRP B 40 -8.44 0.08 -9.48
N PHE B 41 -8.10 0.37 -8.22
CA PHE B 41 -6.76 0.69 -7.87
C PHE B 41 -5.80 -0.49 -8.02
N ILE B 42 -6.15 -1.65 -7.45
CA ILE B 42 -5.22 -2.76 -7.52
C ILE B 42 -5.05 -3.24 -8.95
N GLN B 43 -6.13 -3.30 -9.73
CA GLN B 43 -6.01 -3.70 -11.14
C GLN B 43 -5.02 -2.76 -11.85
N SER B 44 -5.20 -1.45 -11.57
CA SER B 44 -4.35 -0.48 -12.23
C SER B 44 -2.89 -0.50 -11.77
N LEU B 45 -2.71 -0.69 -10.47
CA LEU B 45 -1.38 -0.81 -9.90
C LEU B 45 -0.64 -1.98 -10.51
N CYS B 46 -1.27 -3.14 -10.56
CA CYS B 46 -0.61 -4.33 -11.09
C CYS B 46 -0.29 -4.12 -12.56
N ALA B 47 -1.18 -3.51 -13.34
CA ALA B 47 -0.95 -3.28 -14.73
C ALA B 47 0.24 -2.36 -14.95
N MET B 48 0.36 -1.31 -14.15
CA MET B 48 1.45 -0.37 -14.29
C MET B 48 2.75 -0.95 -13.77
N LEU B 49 2.75 -1.74 -12.73
CA LEU B 49 4.00 -2.39 -12.33
C LEU B 49 4.44 -3.38 -13.39
N LYS B 50 3.52 -4.16 -13.97
CA LYS B 50 3.90 -5.09 -15.04
C LYS B 50 4.57 -4.37 -16.19
N GLN B 51 4.00 -3.23 -16.56
CA GLN B 51 4.49 -2.49 -17.72
C GLN B 51 5.78 -1.73 -17.46
N TYR B 52 5.91 -1.15 -16.26
CA TYR B 52 6.91 -0.14 -16.02
C TYR B 52 7.92 -0.41 -14.93
N ALA B 53 7.78 -1.48 -14.16
CA ALA B 53 8.73 -1.71 -13.08
C ALA B 53 10.16 -1.90 -13.50
N ASP B 54 10.43 -2.32 -14.72
CA ASP B 54 11.81 -2.41 -15.20
C ASP B 54 12.31 -1.12 -15.89
N LYS B 55 11.54 -0.01 -15.76
CA LYS B 55 11.75 1.17 -16.56
C LYS B 55 11.60 2.51 -15.86
N LEU B 56 10.80 2.63 -14.82
CA LEU B 56 10.45 3.88 -14.18
C LEU B 56 10.64 3.79 -12.68
N GLU B 57 10.96 4.95 -12.08
CA GLU B 57 11.01 5.05 -10.66
C GLU B 57 9.62 4.89 -10.09
N PHE B 58 9.50 4.39 -8.87
CA PHE B 58 8.19 4.00 -8.33
C PHE B 58 7.22 5.15 -8.23
N MET B 59 7.62 6.36 -7.84
CA MET B 59 6.67 7.45 -7.78
C MET B 59 6.09 7.74 -9.14
N HIS B 60 6.94 7.59 -10.19
CA HIS B 60 6.43 7.78 -11.54
C HIS B 60 5.45 6.67 -11.94
N ILE B 61 5.72 5.44 -11.51
CA ILE B 61 4.75 4.36 -11.76
C ILE B 61 3.43 4.70 -11.07
N LEU B 62 3.49 5.14 -9.82
CA LEU B 62 2.27 5.44 -9.05
C LEU B 62 1.53 6.62 -9.69
N THR B 63 2.23 7.55 -10.30
CA THR B 63 1.56 8.66 -10.99
C THR B 63 0.78 8.12 -12.19
N ARG B 64 1.35 7.14 -12.90
CA ARG B 64 0.61 6.49 -14.01
C ARG B 64 -0.60 5.73 -13.46
N VAL B 65 -0.49 5.13 -12.28
CA VAL B 65 -1.64 4.50 -11.67
C VAL B 65 -2.71 5.57 -11.39
N ASN B 66 -2.33 6.70 -10.82
CA ASN B 66 -3.27 7.77 -10.60
C ASN B 66 -3.98 8.14 -11.87
N ARG B 67 -3.25 8.31 -12.95
CA ARG B 67 -3.87 8.70 -14.22
C ARG B 67 -4.85 7.63 -14.73
N LYS B 68 -4.43 6.38 -14.64
CA LYS B 68 -5.28 5.29 -15.14
C LYS B 68 -6.58 5.25 -14.36
N VAL B 69 -6.49 5.29 -13.04
CA VAL B 69 -7.71 5.21 -12.24
C VAL B 69 -8.60 6.41 -12.52
N ALA B 70 -7.99 7.61 -12.56
CA ALA B 70 -8.75 8.82 -12.73
C ALA B 70 -9.46 8.91 -14.05
N THR B 71 -8.81 8.39 -15.12
CA THR B 71 -9.35 8.59 -16.46
C THR B 71 -10.20 7.42 -16.94
N GLU B 72 -9.88 6.20 -16.55
CA GLU B 72 -10.48 5.06 -17.21
C GLU B 72 -11.71 4.56 -16.50
N PHE B 73 -11.95 4.83 -15.24
CA PHE B 73 -13.00 4.22 -14.47
C PHE B 73 -14.04 5.24 -14.07
N GLU B 74 -15.29 4.79 -14.07
CA GLU B 74 -16.41 5.57 -13.56
C GLU B 74 -17.47 4.60 -13.08
N SER B 75 -18.06 4.85 -11.93
CA SER B 75 -18.94 3.85 -11.36
C SER B 75 -20.24 3.75 -12.15
N PHE B 76 -20.82 2.57 -12.07
CA PHE B 76 -22.18 2.24 -12.51
C PHE B 76 -22.95 1.73 -11.33
N SER B 77 -24.11 2.28 -11.06
CA SER B 77 -24.96 1.91 -9.99
C SER B 77 -26.43 2.16 -10.40
N PHE B 78 -27.25 1.20 -9.97
CA PHE B 78 -28.68 1.44 -10.08
C PHE B 78 -29.13 2.52 -9.10
N ASP B 79 -28.33 2.81 -8.04
CA ASP B 79 -28.62 3.85 -7.10
C ASP B 79 -28.00 5.15 -7.56
N ALA B 80 -28.82 6.14 -7.87
CA ALA B 80 -28.30 7.38 -8.34
C ALA B 80 -27.26 8.01 -7.43
N THR B 81 -27.35 7.79 -6.10
CA THR B 81 -26.35 8.37 -5.20
C THR B 81 -24.93 7.90 -5.53
N PHE B 82 -24.85 6.64 -5.98
CA PHE B 82 -23.57 6.00 -6.17
C PHE B 82 -23.13 5.88 -7.62
N HIS B 83 -23.93 6.42 -8.55
CA HIS B 83 -23.72 6.27 -9.98
C HIS B 83 -22.83 7.39 -10.51
N ALA B 84 -22.01 7.05 -11.49
CA ALA B 84 -21.21 7.98 -12.29
C ALA B 84 -20.15 8.69 -11.45
N LYS B 85 -19.58 7.92 -10.49
CA LYS B 85 -18.57 8.54 -9.58
C LYS B 85 -17.18 8.15 -10.00
N LYS B 86 -16.22 8.92 -9.53
CA LYS B 86 -14.82 8.87 -9.91
C LYS B 86 -13.92 8.61 -8.71
N GLN B 87 -12.66 8.30 -9.00
CA GLN B 87 -11.71 8.02 -7.93
C GLN B 87 -10.34 8.49 -8.36
N ILE B 88 -9.62 9.12 -7.38
CA ILE B 88 -8.21 9.42 -7.54
C ILE B 88 -7.47 8.77 -6.39
N PRO B 89 -6.46 7.94 -6.66
CA PRO B 89 -5.63 7.40 -5.59
C PRO B 89 -4.79 8.53 -4.99
N CYS B 90 -4.11 8.18 -3.90
CA CYS B 90 -3.38 9.17 -3.13
C CYS B 90 -2.08 8.59 -2.67
N ILE B 91 -0.99 9.12 -3.22
CA ILE B 91 0.35 8.67 -2.92
C ILE B 91 0.89 9.49 -1.75
N VAL B 92 1.30 8.82 -0.68
CA VAL B 92 1.80 9.56 0.50
C VAL B 92 3.21 9.07 0.72
N SER B 93 4.19 9.91 0.41
CA SER B 93 5.56 9.53 0.46
C SER B 93 6.33 10.25 1.57
N MET B 94 6.91 9.44 2.44
CA MET B 94 7.93 9.82 3.40
C MET B 94 9.24 9.16 3.02
N LEU B 95 9.40 8.81 1.77
CA LEU B 95 10.65 8.24 1.27
C LEU B 95 11.71 9.34 1.18
N THR B 96 12.97 8.88 1.29
CA THR B 96 14.11 9.81 1.25
C THR B 96 15.01 9.55 0.08
N LYS B 97 14.72 8.57 -0.77
CA LYS B 97 15.47 8.26 -1.97
C LYS B 97 14.49 7.84 -3.05
N GLU B 98 14.97 7.80 -4.27
CA GLU B 98 14.28 7.17 -5.39
C GLU B 98 14.27 5.67 -5.20
N LEU B 99 13.20 5.06 -5.67
CA LEU B 99 13.04 3.62 -5.58
C LEU B 99 12.83 3.03 -6.97
N TYR B 100 13.74 2.17 -7.38
CA TYR B 100 13.67 1.41 -8.55
C TYR B 100 13.65 -0.07 -8.16
N PHE B 101 12.77 -0.85 -8.79
CA PHE B 101 12.69 -2.27 -8.43
C PHE B 101 13.83 -3.04 -9.09
N TYR B 102 14.50 -2.50 -10.06
CA TYR B 102 15.62 -3.12 -10.75
C TYR B 102 16.90 -2.48 -10.23
N HIS B 103 18.02 -3.10 -10.61
CA HIS B 103 19.34 -2.57 -10.42
C HIS B 103 20.23 -2.92 -11.60
N ASP C 2 -20.30 -2.65 -9.41
CA ASP C 2 -19.39 -1.78 -8.64
C ASP C 2 -19.89 -1.69 -7.20
N GLU C 3 -18.95 -1.79 -6.29
CA GLU C 3 -19.25 -1.80 -4.84
C GLU C 3 -18.23 -0.87 -4.23
N VAL C 4 -18.49 -0.34 -3.07
CA VAL C 4 -17.58 0.45 -2.31
C VAL C 4 -16.97 -0.37 -1.13
N ASP C 5 -15.76 -0.05 -0.77
CA ASP C 5 -15.03 -0.56 0.40
C ASP C 5 -15.11 0.33 1.62
#